data_1D0R
#
_entry.id   1D0R
#
_cell.length_a   1.0
_cell.length_b   1.0
_cell.length_c   1.0
_cell.angle_alpha   90.0
_cell.angle_beta   90.0
_cell.angle_gamma   90.0
#
_symmetry.space_group_name_H-M   'P 1'
#
_entity_poly.entity_id   1
_entity_poly.type   'polypeptide(L)'
_entity_poly.pdbx_seq_one_letter_code
;HAEGTFTSDVSSYLEGQAAKEFIAWLVKGR
;
_entity_poly.pdbx_strand_id   A
#
# COMPACT_ATOMS: atom_id res chain seq x y z
N HIS A 1 -16.06 -10.38 1.51
CA HIS A 1 -16.17 -9.25 2.50
C HIS A 1 -16.59 -9.89 3.84
N ALA A 2 -16.39 -9.22 4.95
CA ALA A 2 -16.73 -9.69 6.35
C ALA A 2 -15.33 -9.94 6.97
N GLU A 3 -14.75 -8.82 7.23
CA GLU A 3 -13.39 -8.58 7.82
C GLU A 3 -12.56 -9.82 8.20
N GLY A 4 -11.93 -10.13 7.10
CA GLY A 4 -10.98 -11.25 6.85
C GLY A 4 -11.47 -11.63 5.45
N THR A 5 -12.57 -12.33 5.44
CA THR A 5 -13.30 -12.83 4.21
C THR A 5 -12.98 -12.10 2.88
N PHE A 6 -11.80 -12.36 2.41
CA PHE A 6 -11.20 -11.79 1.14
C PHE A 6 -10.74 -10.34 1.40
N THR A 7 -11.67 -9.45 1.66
CA THR A 7 -11.39 -7.97 1.95
C THR A 7 -9.92 -7.63 2.27
N SER A 8 -9.37 -8.43 3.16
CA SER A 8 -7.94 -8.31 3.61
C SER A 8 -6.98 -7.90 2.48
N ASP A 9 -7.02 -8.68 1.44
CA ASP A 9 -6.16 -8.49 0.22
C ASP A 9 -6.26 -7.02 -0.28
N VAL A 10 -7.33 -6.77 -0.99
CA VAL A 10 -7.63 -5.40 -1.56
C VAL A 10 -7.03 -4.28 -0.68
N SER A 11 -7.36 -4.36 0.59
CA SER A 11 -6.84 -3.33 1.58
C SER A 11 -5.30 -3.40 1.65
N SER A 12 -4.79 -4.53 2.09
CA SER A 12 -3.30 -4.72 2.21
C SER A 12 -2.60 -4.19 0.95
N TYR A 13 -3.20 -4.48 -0.17
CA TYR A 13 -2.63 -4.02 -1.48
C TYR A 13 -2.55 -2.48 -1.42
N LEU A 14 -3.68 -1.82 -1.22
CA LEU A 14 -3.69 -0.32 -1.15
C LEU A 14 -2.47 0.15 -0.30
N GLU A 15 -2.36 -0.43 0.86
CA GLU A 15 -1.24 -0.12 1.83
C GLU A 15 0.14 -0.33 1.15
N GLY A 16 0.37 -1.58 0.78
CA GLY A 16 1.62 -2.07 0.08
C GLY A 16 2.01 -1.16 -1.07
N GLN A 17 1.00 -0.65 -1.71
CA GLN A 17 1.23 0.27 -2.84
C GLN A 17 1.55 1.66 -2.26
N ALA A 18 0.58 2.31 -1.68
CA ALA A 18 0.73 3.67 -1.06
C ALA A 18 2.17 3.97 -0.56
N ALA A 19 2.61 3.10 0.32
CA ALA A 19 3.98 3.17 0.94
C ALA A 19 5.09 3.92 0.13
N LYS A 20 5.09 3.68 -1.16
CA LYS A 20 6.09 4.30 -2.10
C LYS A 20 6.48 5.76 -1.74
N GLU A 21 5.47 6.57 -1.59
CA GLU A 21 5.68 8.02 -1.25
C GLU A 21 6.87 8.30 -0.31
N PHE A 22 6.84 7.64 0.81
CA PHE A 22 7.90 7.79 1.85
C PHE A 22 9.07 6.87 1.49
N ILE A 23 8.76 5.65 1.12
CA ILE A 23 9.84 4.67 0.75
C ILE A 23 10.92 5.34 -0.13
N ALA A 24 10.41 6.16 -1.02
CA ALA A 24 11.24 6.94 -1.97
C ALA A 24 11.61 8.32 -1.37
N TRP A 25 10.72 8.94 -0.63
CA TRP A 25 11.01 10.29 0.00
C TRP A 25 12.50 10.52 0.38
N LEU A 26 12.98 9.64 1.20
CA LEU A 26 14.40 9.67 1.68
C LEU A 26 15.52 9.96 0.62
N VAL A 27 15.14 9.84 -0.62
CA VAL A 27 15.99 10.05 -1.84
C VAL A 27 15.27 11.21 -2.53
N LYS A 28 13.98 11.04 -2.69
CA LYS A 28 13.05 12.04 -3.32
C LYS A 28 12.66 13.07 -2.21
N GLY A 29 13.71 13.49 -1.56
CA GLY A 29 13.71 14.48 -0.43
C GLY A 29 14.81 15.53 -0.66
N ARG A 30 15.70 15.20 -1.56
CA ARG A 30 16.83 16.12 -1.92
C ARG A 30 16.66 16.56 -3.40
N HIS A 1 -11.14 -17.15 -0.51
CA HIS A 1 -11.59 -16.54 -1.81
C HIS A 1 -12.68 -15.47 -1.49
N ALA A 2 -13.22 -14.76 -2.45
CA ALA A 2 -14.30 -13.70 -2.21
C ALA A 2 -13.85 -12.55 -1.25
N GLU A 3 -13.71 -12.88 0.00
CA GLU A 3 -13.26 -11.91 1.07
C GLU A 3 -11.77 -12.27 1.24
N GLY A 4 -11.53 -13.48 1.71
CA GLY A 4 -10.11 -13.98 1.92
C GLY A 4 -9.47 -14.17 0.53
N THR A 5 -8.86 -13.09 0.12
CA THR A 5 -8.11 -12.80 -1.17
C THR A 5 -8.76 -11.52 -1.76
N PHE A 6 -8.65 -11.25 -3.05
CA PHE A 6 -9.25 -10.03 -3.71
C PHE A 6 -10.47 -9.31 -3.05
N THR A 7 -10.13 -8.67 -1.96
CA THR A 7 -11.01 -7.86 -1.01
C THR A 7 -10.17 -7.67 0.26
N SER A 8 -9.98 -8.73 0.98
CA SER A 8 -9.16 -8.68 2.24
C SER A 8 -7.75 -8.11 1.92
N ASP A 9 -7.05 -8.80 1.06
CA ASP A 9 -5.67 -8.41 0.62
C ASP A 9 -5.62 -6.90 0.24
N VAL A 10 -6.52 -6.48 -0.62
CA VAL A 10 -6.61 -5.04 -1.08
C VAL A 10 -6.28 -4.12 0.12
N SER A 11 -7.09 -4.26 1.13
CA SER A 11 -6.95 -3.47 2.41
C SER A 11 -5.50 -3.21 2.82
N SER A 12 -4.72 -4.24 2.77
CA SER A 12 -3.26 -4.07 3.13
C SER A 12 -2.51 -3.52 1.93
N TYR A 13 -2.78 -4.01 0.75
CA TYR A 13 -2.05 -3.46 -0.44
C TYR A 13 -2.21 -1.92 -0.52
N LEU A 14 -3.36 -1.41 -0.15
CA LEU A 14 -3.62 0.08 -0.16
C LEU A 14 -2.40 0.74 0.52
N GLU A 15 -2.19 0.38 1.76
CA GLU A 15 -0.99 0.97 2.48
C GLU A 15 0.21 0.56 1.60
N GLY A 16 0.20 -0.69 1.20
CA GLY A 16 1.28 -1.30 0.31
C GLY A 16 1.74 -0.33 -0.81
N GLN A 17 0.91 0.64 -1.10
CA GLN A 17 1.17 1.70 -2.13
C GLN A 17 1.83 2.85 -1.36
N ALA A 18 1.11 3.42 -0.43
CA ALA A 18 1.62 4.54 0.42
C ALA A 18 3.10 4.25 0.81
N ALA A 19 3.28 3.07 1.30
CA ALA A 19 4.61 2.55 1.72
C ALA A 19 5.65 2.92 0.62
N LYS A 20 5.30 2.60 -0.60
CA LYS A 20 6.21 2.90 -1.78
C LYS A 20 6.30 4.44 -1.85
N GLU A 21 5.16 5.07 -1.86
CA GLU A 21 5.05 6.57 -1.92
C GLU A 21 5.94 7.25 -0.84
N PHE A 22 6.25 6.52 0.19
CA PHE A 22 7.11 7.04 1.28
C PHE A 22 8.56 6.60 0.97
N ILE A 23 8.81 5.34 0.84
CA ILE A 23 10.20 4.88 0.53
C ILE A 23 10.82 5.69 -0.65
N ALA A 24 10.00 6.00 -1.62
CA ALA A 24 10.46 6.78 -2.79
C ALA A 24 10.17 8.31 -2.54
N TRP A 25 10.35 8.69 -1.30
CA TRP A 25 10.14 10.11 -0.82
C TRP A 25 11.49 10.72 -0.36
N LEU A 26 11.79 10.40 0.85
CA LEU A 26 13.03 10.82 1.60
C LEU A 26 14.39 10.58 0.89
N VAL A 27 14.34 9.87 -0.20
CA VAL A 27 15.59 9.54 -1.00
C VAL A 27 15.54 10.21 -2.40
N LYS A 28 14.64 11.14 -2.51
CA LYS A 28 14.43 11.90 -3.79
C LYS A 28 14.05 13.38 -3.54
N GLY A 29 13.10 13.55 -2.66
CA GLY A 29 12.58 14.91 -2.27
C GLY A 29 11.21 15.15 -2.92
N ARG A 30 10.32 14.22 -2.72
CA ARG A 30 8.95 14.34 -3.31
C ARG A 30 7.86 14.50 -2.18
N HIS A 1 -10.00 -10.97 1.08
CA HIS A 1 -11.29 -11.47 0.52
C HIS A 1 -12.39 -11.75 1.60
N ALA A 2 -12.49 -10.86 2.54
CA ALA A 2 -13.48 -10.91 3.68
C ALA A 2 -14.09 -9.49 3.61
N GLU A 3 -13.19 -8.57 3.68
CA GLU A 3 -13.43 -7.10 3.64
C GLU A 3 -13.43 -6.68 2.15
N GLY A 4 -14.22 -7.42 1.40
CA GLY A 4 -14.39 -7.23 -0.11
C GLY A 4 -13.44 -6.23 -0.79
N THR A 5 -13.90 -5.04 -1.00
CA THR A 5 -13.10 -3.93 -1.65
C THR A 5 -11.60 -3.80 -1.28
N PHE A 6 -11.25 -4.23 -0.11
CA PHE A 6 -9.83 -4.15 0.38
C PHE A 6 -9.08 -5.53 0.44
N THR A 7 -9.88 -6.49 0.17
CA THR A 7 -9.56 -7.96 0.13
C THR A 7 -8.23 -8.64 0.64
N SER A 8 -7.51 -8.10 1.58
CA SER A 8 -6.20 -8.70 2.12
C SER A 8 -5.05 -8.47 1.13
N ASP A 9 -5.38 -7.56 0.26
CA ASP A 9 -4.48 -7.11 -0.82
C ASP A 9 -4.48 -5.60 -0.54
N VAL A 10 -5.41 -4.98 -1.19
CA VAL A 10 -5.67 -3.52 -1.09
C VAL A 10 -5.35 -3.01 0.35
N SER A 11 -6.01 -3.63 1.29
CA SER A 11 -5.86 -3.34 2.76
C SER A 11 -4.42 -3.06 3.23
N SER A 12 -3.53 -3.87 2.77
CA SER A 12 -2.06 -3.77 3.11
C SER A 12 -1.21 -3.12 2.02
N TYR A 13 -1.55 -3.33 0.79
CA TYR A 13 -0.77 -2.75 -0.34
C TYR A 13 -1.25 -1.34 -0.77
N LEU A 14 -2.53 -1.16 -0.93
CA LEU A 14 -3.08 0.17 -1.36
C LEU A 14 -2.86 1.26 -0.29
N GLU A 15 -3.04 0.90 0.95
CA GLU A 15 -2.83 1.90 2.04
C GLU A 15 -1.44 1.55 2.66
N GLY A 16 -1.42 0.47 3.39
CA GLY A 16 -0.20 -0.08 4.10
C GLY A 16 1.14 0.22 3.42
N GLN A 17 1.17 -0.02 2.14
CA GLN A 17 2.41 0.22 1.34
C GLN A 17 2.37 1.51 0.46
N ALA A 18 1.56 1.63 -0.55
CA ALA A 18 1.52 2.87 -1.41
C ALA A 18 1.98 4.27 -0.81
N ALA A 19 1.46 4.66 0.32
CA ALA A 19 1.86 5.99 0.93
C ALA A 19 3.19 6.00 1.72
N LYS A 20 3.81 4.86 1.68
CA LYS A 20 5.12 4.57 2.34
C LYS A 20 5.96 4.50 1.03
N GLU A 21 5.48 3.72 0.10
CA GLU A 21 6.15 3.56 -1.23
C GLU A 21 6.59 4.95 -1.76
N PHE A 22 5.61 5.79 -1.99
CA PHE A 22 5.88 7.16 -2.52
C PHE A 22 6.23 8.16 -1.42
N ILE A 23 6.96 7.59 -0.51
CA ILE A 23 7.49 8.31 0.67
C ILE A 23 9.01 7.96 0.55
N ALA A 24 9.21 6.68 0.35
CA ALA A 24 10.55 6.02 0.18
C ALA A 24 11.18 6.35 -1.20
N TRP A 25 10.44 6.09 -2.24
CA TRP A 25 10.88 6.34 -3.67
C TRP A 25 11.99 7.40 -3.81
N LEU A 26 11.66 8.53 -3.27
CA LEU A 26 12.57 9.70 -3.29
C LEU A 26 13.32 9.90 -1.95
N VAL A 27 14.25 8.98 -1.81
CA VAL A 27 15.23 8.81 -0.69
C VAL A 27 14.60 8.92 0.69
N LYS A 28 13.34 8.57 0.70
CA LYS A 28 12.49 8.59 1.93
C LYS A 28 12.16 10.06 2.30
N GLY A 29 11.83 10.80 1.29
CA GLY A 29 11.48 12.25 1.40
C GLY A 29 10.23 12.65 0.62
N ARG A 30 10.19 12.25 -0.62
CA ARG A 30 9.02 12.58 -1.46
C ARG A 30 8.61 11.35 -2.34
N HIS A 1 -13.44 -11.72 1.34
CA HIS A 1 -14.55 -12.73 1.23
C HIS A 1 -15.53 -12.50 2.39
N ALA A 2 -16.28 -13.50 2.82
CA ALA A 2 -17.25 -13.32 3.97
C ALA A 2 -16.61 -12.41 5.08
N GLU A 3 -17.42 -11.71 5.81
CA GLU A 3 -16.95 -10.77 6.91
C GLU A 3 -15.60 -10.01 6.62
N GLY A 4 -15.32 -9.82 5.36
CA GLY A 4 -14.07 -9.09 4.92
C GLY A 4 -12.98 -10.04 4.46
N THR A 5 -12.46 -10.76 5.42
CA THR A 5 -11.34 -11.77 5.20
C THR A 5 -10.48 -11.59 3.92
N PHE A 6 -10.73 -12.37 2.89
CA PHE A 6 -9.91 -12.19 1.64
C PHE A 6 -10.27 -10.84 0.99
N THR A 7 -9.32 -9.97 1.14
CA THR A 7 -9.31 -8.53 0.64
C THR A 7 -8.02 -7.90 1.23
N SER A 8 -7.76 -8.30 2.44
CA SER A 8 -6.56 -7.85 3.25
C SER A 8 -5.34 -7.42 2.43
N ASP A 9 -4.92 -8.30 1.58
CA ASP A 9 -3.76 -8.14 0.66
C ASP A 9 -3.96 -6.93 -0.29
N VAL A 10 -4.62 -7.19 -1.39
CA VAL A 10 -4.93 -6.16 -2.43
C VAL A 10 -5.21 -4.78 -1.79
N SER A 11 -6.00 -4.78 -0.75
CA SER A 11 -6.35 -3.52 -0.02
C SER A 11 -5.06 -2.96 0.61
N SER A 12 -4.45 -3.70 1.49
CA SER A 12 -3.16 -3.21 2.15
C SER A 12 -2.23 -2.57 1.10
N TYR A 13 -2.09 -3.26 0.01
CA TYR A 13 -1.22 -2.77 -1.09
C TYR A 13 -1.62 -1.35 -1.65
N LEU A 14 -2.89 -1.05 -1.52
CA LEU A 14 -3.56 0.22 -1.95
C LEU A 14 -3.62 1.19 -0.75
N GLU A 15 -4.29 0.87 0.31
CA GLU A 15 -4.32 1.83 1.50
C GLU A 15 -2.83 2.16 1.79
N GLY A 16 -2.08 1.10 1.72
CA GLY A 16 -0.59 1.11 1.95
C GLY A 16 0.09 2.11 1.01
N GLN A 17 -0.45 2.26 -0.17
CA GLN A 17 0.10 3.23 -1.22
C GLN A 17 0.54 4.53 -0.49
N ALA A 18 -0.43 5.04 0.21
CA ALA A 18 -0.28 6.30 1.02
C ALA A 18 1.07 6.35 1.78
N ALA A 19 1.43 5.23 2.34
CA ALA A 19 2.70 5.10 3.11
C ALA A 19 3.86 4.80 2.12
N LYS A 20 3.66 3.81 1.30
CA LYS A 20 4.67 3.37 0.25
C LYS A 20 5.42 4.61 -0.34
N GLU A 21 4.63 5.55 -0.78
CA GLU A 21 5.17 6.82 -1.37
C GLU A 21 6.27 7.47 -0.48
N PHE A 22 5.93 7.68 0.77
CA PHE A 22 6.88 8.32 1.75
C PHE A 22 8.07 7.36 1.89
N ILE A 23 7.70 6.12 2.05
CA ILE A 23 8.71 5.04 2.20
C ILE A 23 9.69 5.00 0.99
N ALA A 24 9.30 5.68 -0.06
CA ALA A 24 10.11 5.77 -1.31
C ALA A 24 10.85 7.17 -1.35
N TRP A 25 10.22 8.22 -0.88
CA TRP A 25 10.83 9.62 -0.84
C TRP A 25 12.37 9.67 -0.75
N LEU A 26 12.79 9.22 0.40
CA LEU A 26 14.23 9.12 0.83
C LEU A 26 15.23 8.57 -0.24
N VAL A 27 14.70 7.93 -1.24
CA VAL A 27 15.51 7.34 -2.36
C VAL A 27 15.12 8.11 -3.65
N LYS A 28 13.84 8.30 -3.82
CA LYS A 28 13.30 9.04 -5.02
C LYS A 28 13.97 10.41 -5.24
N GLY A 29 14.09 11.12 -4.16
CA GLY A 29 14.72 12.50 -4.14
C GLY A 29 15.58 12.80 -2.92
N ARG A 30 15.20 12.18 -1.83
CA ARG A 30 15.80 12.22 -0.44
C ARG A 30 14.63 12.65 0.52
N HIS A 1 -12.77 -14.73 -7.81
CA HIS A 1 -11.89 -13.57 -7.47
C HIS A 1 -12.01 -13.18 -5.96
N ALA A 2 -11.91 -14.18 -5.15
CA ALA A 2 -11.99 -14.11 -3.64
C ALA A 2 -10.86 -15.07 -3.14
N GLU A 3 -10.97 -16.26 -3.66
CA GLU A 3 -10.05 -17.44 -3.42
C GLU A 3 -8.79 -17.18 -2.56
N GLY A 4 -7.97 -16.29 -3.04
CA GLY A 4 -6.70 -15.93 -2.31
C GLY A 4 -6.91 -14.92 -1.18
N THR A 5 -7.78 -15.25 -0.28
CA THR A 5 -8.11 -14.36 0.92
C THR A 5 -8.78 -13.00 0.64
N PHE A 6 -8.49 -12.39 -0.47
CA PHE A 6 -9.08 -11.06 -0.84
C PHE A 6 -9.19 -10.07 0.35
N THR A 7 -10.34 -9.87 0.94
CA THR A 7 -10.52 -8.90 2.12
C THR A 7 -9.28 -8.09 2.53
N SER A 8 -8.35 -8.72 3.19
CA SER A 8 -7.07 -8.06 3.65
C SER A 8 -6.57 -6.97 2.68
N ASP A 9 -6.66 -7.29 1.41
CA ASP A 9 -6.25 -6.40 0.28
C ASP A 9 -6.37 -4.90 0.66
N VAL A 10 -7.52 -4.56 1.18
CA VAL A 10 -7.84 -3.15 1.62
C VAL A 10 -6.56 -2.37 2.07
N SER A 11 -5.71 -3.05 2.77
CA SER A 11 -4.42 -2.44 3.25
C SER A 11 -3.45 -2.65 2.08
N SER A 12 -2.99 -3.86 1.88
CA SER A 12 -2.03 -4.26 0.77
C SER A 12 -2.12 -3.43 -0.51
N TYR A 13 -3.30 -3.07 -0.89
CA TYR A 13 -3.56 -2.24 -2.11
C TYR A 13 -2.91 -0.85 -1.88
N LEU A 14 -3.42 -0.11 -0.94
CA LEU A 14 -2.86 1.26 -0.62
C LEU A 14 -1.39 1.11 -0.15
N GLU A 15 -1.22 0.13 0.69
CA GLU A 15 0.08 -0.27 1.32
C GLU A 15 1.09 -0.47 0.14
N GLY A 16 0.63 -1.21 -0.83
CA GLY A 16 1.43 -1.51 -2.08
C GLY A 16 1.85 -0.19 -2.70
N GLN A 17 0.87 0.65 -2.95
CA GLN A 17 1.17 2.01 -3.54
C GLN A 17 2.32 2.65 -2.71
N ALA A 18 2.05 2.81 -1.43
CA ALA A 18 3.04 3.41 -0.48
C ALA A 18 4.46 2.81 -0.73
N ALA A 19 4.54 1.51 -0.72
CA ALA A 19 5.84 0.79 -0.95
C ALA A 19 6.54 1.30 -2.25
N LYS A 20 5.74 1.75 -3.17
CA LYS A 20 6.23 2.28 -4.48
C LYS A 20 6.41 3.83 -4.51
N GLU A 21 5.57 4.56 -3.84
CA GLU A 21 5.64 6.07 -3.79
C GLU A 21 5.99 6.64 -2.37
N PHE A 22 5.33 6.19 -1.33
CA PHE A 22 5.59 6.69 0.06
C PHE A 22 7.09 6.49 0.28
N ILE A 23 7.51 5.33 -0.15
CA ILE A 23 8.94 4.94 -0.04
C ILE A 23 9.86 6.12 -0.46
N ALA A 24 9.53 6.68 -1.59
CA ALA A 24 10.31 7.84 -2.15
C ALA A 24 10.18 9.02 -1.17
N TRP A 25 8.96 9.26 -0.77
CA TRP A 25 8.65 10.36 0.19
C TRP A 25 9.62 10.33 1.38
N LEU A 26 9.99 9.15 1.78
CA LEU A 26 10.95 8.94 2.92
C LEU A 26 12.36 8.46 2.52
N VAL A 27 12.74 8.94 1.37
CA VAL A 27 14.07 8.68 0.72
C VAL A 27 14.63 10.05 0.32
N LYS A 28 13.81 10.83 -0.35
CA LYS A 28 14.16 12.22 -0.83
C LYS A 28 15.35 12.92 -0.12
N GLY A 29 15.27 12.98 1.18
CA GLY A 29 16.34 13.62 2.05
C GLY A 29 16.69 12.79 3.28
N ARG A 30 16.83 11.52 3.06
CA ARG A 30 17.17 10.54 4.13
C ARG A 30 18.48 9.74 3.79
N HIS A 1 -17.49 -14.06 -6.73
CA HIS A 1 -18.37 -14.17 -5.51
C HIS A 1 -17.51 -14.59 -4.28
N ALA A 2 -16.44 -13.87 -4.12
CA ALA A 2 -15.41 -14.00 -3.04
C ALA A 2 -14.91 -12.54 -2.90
N GLU A 3 -14.29 -12.09 -3.96
CA GLU A 3 -13.70 -10.71 -4.09
C GLU A 3 -14.56 -9.67 -3.31
N GLY A 4 -15.84 -9.73 -3.57
CA GLY A 4 -16.87 -8.83 -2.92
C GLY A 4 -16.55 -8.24 -1.53
N THR A 5 -15.95 -9.02 -0.66
CA THR A 5 -15.62 -8.50 0.74
C THR A 5 -14.13 -8.19 1.01
N PHE A 6 -13.41 -8.01 -0.06
CA PHE A 6 -11.94 -7.69 -0.10
C PHE A 6 -11.06 -7.68 1.20
N THR A 7 -11.48 -6.92 2.18
CA THR A 7 -10.78 -6.76 3.52
C THR A 7 -9.23 -6.72 3.55
N SER A 8 -8.61 -7.79 3.19
CA SER A 8 -7.11 -7.87 3.17
C SER A 8 -6.58 -7.46 1.79
N ASP A 9 -7.29 -7.84 0.78
CA ASP A 9 -6.92 -7.52 -0.64
C ASP A 9 -6.61 -5.99 -0.77
N VAL A 10 -7.66 -5.23 -0.76
CA VAL A 10 -7.61 -3.73 -0.86
C VAL A 10 -6.29 -3.17 -0.28
N SER A 11 -6.01 -3.51 0.95
CA SER A 11 -4.77 -3.03 1.65
C SER A 11 -3.51 -3.68 1.05
N SER A 12 -3.54 -4.98 0.88
CA SER A 12 -2.38 -5.74 0.27
C SER A 12 -1.75 -4.89 -0.84
N TYR A 13 -2.65 -4.22 -1.50
CA TYR A 13 -2.36 -3.30 -2.63
C TYR A 13 -2.16 -1.81 -2.13
N LEU A 14 -3.16 -1.23 -1.52
CA LEU A 14 -3.11 0.19 -0.99
C LEU A 14 -1.90 0.34 -0.04
N GLU A 15 -1.85 -0.40 1.04
CA GLU A 15 -0.68 -0.30 1.98
C GLU A 15 0.57 -0.57 1.12
N GLY A 16 0.40 -1.53 0.24
CA GLY A 16 1.47 -1.99 -0.75
C GLY A 16 1.90 -0.83 -1.68
N GLN A 17 1.24 0.26 -1.51
CA GLN A 17 1.45 1.54 -2.25
C GLN A 17 2.03 2.47 -1.17
N ALA A 18 1.21 2.82 -0.22
CA ALA A 18 1.61 3.72 0.92
C ALA A 18 3.13 3.56 1.26
N ALA A 19 3.51 2.32 1.40
CA ALA A 19 4.93 1.98 1.72
C ALA A 19 5.92 2.48 0.61
N LYS A 20 5.74 2.07 -0.62
CA LYS A 20 6.68 2.52 -1.71
C LYS A 20 6.72 4.06 -1.78
N GLU A 21 5.55 4.61 -1.90
CA GLU A 21 5.44 6.10 -1.98
C GLU A 21 6.04 6.79 -0.73
N PHE A 22 5.80 6.31 0.46
CA PHE A 22 6.37 6.97 1.66
C PHE A 22 7.89 6.86 1.47
N ILE A 23 8.35 5.69 1.11
CA ILE A 23 9.83 5.58 0.90
C ILE A 23 10.28 6.70 -0.08
N ALA A 24 9.62 6.79 -1.20
CA ALA A 24 9.94 7.84 -2.22
C ALA A 24 10.15 9.23 -1.54
N TRP A 25 9.19 9.60 -0.72
CA TRP A 25 9.16 10.88 0.07
C TRP A 25 10.54 11.41 0.44
N LEU A 26 11.22 10.49 1.06
CA LEU A 26 12.59 10.74 1.55
C LEU A 26 13.79 10.13 0.75
N VAL A 27 13.61 9.07 0.00
CA VAL A 27 14.80 8.53 -0.75
C VAL A 27 14.97 9.35 -2.06
N LYS A 28 13.87 9.88 -2.52
CA LYS A 28 13.89 10.71 -3.76
C LYS A 28 13.18 12.09 -3.74
N GLY A 29 12.22 12.26 -2.88
CA GLY A 29 11.46 13.57 -2.77
C GLY A 29 10.03 13.54 -3.30
N ARG A 30 9.27 12.57 -2.86
CA ARG A 30 7.86 12.46 -3.35
C ARG A 30 6.75 12.43 -2.26
N HIS A 1 -10.35 -15.19 4.43
CA HIS A 1 -11.84 -15.30 4.38
C HIS A 1 -12.40 -14.51 3.17
N ALA A 2 -13.11 -15.20 2.30
CA ALA A 2 -13.77 -14.68 1.03
C ALA A 2 -12.97 -15.37 -0.12
N GLU A 3 -12.80 -14.73 -1.26
CA GLU A 3 -12.02 -15.35 -2.39
C GLU A 3 -10.57 -14.88 -2.10
N GLY A 4 -10.17 -15.28 -0.92
CA GLY A 4 -8.83 -14.99 -0.28
C GLY A 4 -9.16 -14.38 1.09
N THR A 5 -8.60 -13.26 1.42
CA THR A 5 -8.89 -12.59 2.77
C THR A 5 -8.94 -11.07 2.67
N PHE A 6 -9.68 -10.62 1.69
CA PHE A 6 -9.89 -9.15 1.38
C PHE A 6 -9.43 -8.13 2.47
N THR A 7 -9.95 -8.30 3.66
CA THR A 7 -9.63 -7.43 4.86
C THR A 7 -8.19 -6.89 4.87
N SER A 8 -7.32 -7.82 4.65
CA SER A 8 -5.83 -7.58 4.60
C SER A 8 -5.35 -7.66 3.16
N ASP A 9 -5.86 -8.67 2.51
CA ASP A 9 -5.60 -9.02 1.07
C ASP A 9 -5.77 -7.71 0.23
N VAL A 10 -6.98 -7.47 -0.18
CA VAL A 10 -7.35 -6.25 -0.98
C VAL A 10 -6.60 -5.02 -0.41
N SER A 11 -6.75 -4.81 0.87
CA SER A 11 -6.05 -3.63 1.54
C SER A 11 -4.62 -3.46 1.01
N SER A 12 -3.85 -4.51 1.07
CA SER A 12 -2.41 -4.47 0.57
C SER A 12 -2.30 -3.71 -0.77
N TYR A 13 -3.18 -4.06 -1.67
CA TYR A 13 -3.21 -3.41 -3.03
C TYR A 13 -3.28 -1.86 -2.83
N LEU A 14 -4.23 -1.47 -2.04
CA LEU A 14 -4.45 -0.01 -1.74
C LEU A 14 -3.14 0.55 -1.12
N GLU A 15 -2.69 -0.09 -0.07
CA GLU A 15 -1.43 0.32 0.65
C GLU A 15 -0.39 0.76 -0.42
N GLY A 16 -0.17 -0.13 -1.36
CA GLY A 16 0.80 0.15 -2.50
C GLY A 16 0.57 1.54 -3.11
N GLN A 17 -0.68 1.79 -3.44
CA GLN A 17 -1.12 3.11 -4.05
C GLN A 17 -0.58 4.33 -3.26
N ALA A 18 -0.31 4.11 -2.02
CA ALA A 18 0.22 5.14 -1.09
C ALA A 18 1.78 4.96 -1.05
N ALA A 19 2.20 3.79 -0.68
CA ALA A 19 3.66 3.43 -0.57
C ALA A 19 4.64 4.24 -1.48
N LYS A 20 4.40 4.15 -2.76
CA LYS A 20 5.20 4.83 -3.84
C LYS A 20 5.86 6.20 -3.50
N GLU A 21 5.22 6.94 -2.63
CA GLU A 21 5.69 8.29 -2.19
C GLU A 21 6.37 8.23 -0.80
N PHE A 22 5.82 7.49 0.13
CA PHE A 22 6.49 7.44 1.47
C PHE A 22 7.91 6.94 1.20
N ILE A 23 7.94 6.00 0.29
CA ILE A 23 9.24 5.40 -0.13
C ILE A 23 10.19 6.56 -0.53
N ALA A 24 9.65 7.49 -1.26
CA ALA A 24 10.44 8.68 -1.73
C ALA A 24 11.08 9.43 -0.53
N TRP A 25 10.20 9.83 0.36
CA TRP A 25 10.54 10.60 1.63
C TRP A 25 11.90 10.23 2.21
N LEU A 26 11.97 8.95 2.28
CA LEU A 26 13.13 8.19 2.81
C LEU A 26 14.16 7.54 1.85
N VAL A 27 13.85 7.38 0.61
CA VAL A 27 14.86 6.76 -0.34
C VAL A 27 15.82 7.81 -0.88
N LYS A 28 15.30 9.01 -1.00
CA LYS A 28 16.01 10.25 -1.50
C LYS A 28 15.09 11.11 -2.42
N GLY A 29 14.06 11.68 -1.84
CA GLY A 29 13.12 12.55 -2.67
C GLY A 29 12.07 11.79 -3.48
N ARG A 30 12.50 10.70 -4.03
CA ARG A 30 11.70 9.75 -4.88
C ARG A 30 12.69 8.72 -5.50
N HIS A 1 -14.36 -5.74 5.76
CA HIS A 1 -15.71 -5.42 6.33
C HIS A 1 -16.10 -6.72 7.09
N ALA A 2 -17.32 -7.18 7.20
CA ALA A 2 -17.66 -8.45 7.94
C ALA A 2 -16.56 -9.58 7.96
N GLU A 3 -15.85 -9.72 6.88
CA GLU A 3 -14.76 -10.75 6.73
C GLU A 3 -13.33 -10.42 7.27
N GLY A 4 -13.13 -9.22 7.74
CA GLY A 4 -11.80 -8.72 8.30
C GLY A 4 -10.54 -9.51 7.95
N THR A 5 -10.42 -9.84 6.71
CA THR A 5 -9.23 -10.63 6.22
C THR A 5 -8.50 -9.98 5.00
N PHE A 6 -7.80 -10.77 4.24
CA PHE A 6 -7.01 -10.31 3.02
C PHE A 6 -5.82 -9.40 3.42
N THR A 7 -6.15 -8.21 3.83
CA THR A 7 -5.17 -7.13 4.28
C THR A 7 -3.88 -6.96 3.44
N SER A 8 -3.04 -7.94 3.50
CA SER A 8 -1.71 -8.05 2.77
C SER A 8 -1.68 -7.43 1.36
N ASP A 9 -2.77 -7.62 0.69
CA ASP A 9 -3.02 -7.14 -0.70
C ASP A 9 -3.78 -5.77 -0.64
N VAL A 10 -4.99 -5.80 -0.14
CA VAL A 10 -5.89 -4.60 0.01
C VAL A 10 -5.07 -3.32 0.30
N SER A 11 -4.21 -3.45 1.28
CA SER A 11 -3.32 -2.30 1.70
C SER A 11 -2.56 -1.79 0.46
N SER A 12 -1.54 -2.51 0.11
CA SER A 12 -0.64 -2.21 -1.07
C SER A 12 -1.35 -1.59 -2.28
N TYR A 13 -2.62 -1.84 -2.40
CA TYR A 13 -3.44 -1.29 -3.53
C TYR A 13 -4.15 0.07 -3.18
N LEU A 14 -4.85 0.12 -2.09
CA LEU A 14 -5.57 1.40 -1.69
C LEU A 14 -4.67 2.23 -0.76
N GLU A 15 -4.13 1.59 0.23
CA GLU A 15 -3.23 2.30 1.20
C GLU A 15 -1.96 2.63 0.36
N GLY A 16 -1.53 1.58 -0.27
CA GLY A 16 -0.34 1.52 -1.17
C GLY A 16 0.20 2.82 -1.69
N GLN A 17 -0.67 3.54 -2.31
CA GLN A 17 -0.25 4.85 -2.87
C GLN A 17 -0.32 5.92 -1.78
N ALA A 18 -1.39 5.94 -1.05
CA ALA A 18 -1.52 6.95 0.05
C ALA A 18 -0.24 6.96 0.94
N ALA A 19 0.24 5.79 1.24
CA ALA A 19 1.47 5.61 2.10
C ALA A 19 2.72 4.82 1.55
N LYS A 20 2.63 3.54 1.39
CA LYS A 20 3.76 2.66 0.89
C LYS A 20 4.67 3.30 -0.19
N GLU A 21 4.09 3.68 -1.28
CA GLU A 21 4.87 4.31 -2.39
C GLU A 21 5.48 5.64 -1.91
N PHE A 22 4.80 6.40 -1.09
CA PHE A 22 5.43 7.69 -0.66
C PHE A 22 6.66 7.28 0.16
N ILE A 23 6.44 6.30 1.00
CA ILE A 23 7.57 5.80 1.84
C ILE A 23 8.75 5.44 0.88
N ALA A 24 8.43 4.74 -0.18
CA ALA A 24 9.48 4.37 -1.18
C ALA A 24 10.27 5.67 -1.52
N TRP A 25 9.57 6.74 -1.84
CA TRP A 25 10.25 8.05 -2.17
C TRP A 25 11.24 8.36 -1.04
N LEU A 26 10.57 8.63 0.04
CA LEU A 26 11.11 8.99 1.37
C LEU A 26 12.50 8.34 1.67
N VAL A 27 12.63 7.11 1.28
CA VAL A 27 13.89 6.33 1.47
C VAL A 27 14.80 6.22 0.21
N LYS A 28 14.27 5.99 -0.97
CA LYS A 28 15.15 5.87 -2.21
C LYS A 28 14.89 6.82 -3.43
N GLY A 29 14.18 7.88 -3.18
CA GLY A 29 13.82 8.94 -4.22
C GLY A 29 14.26 10.28 -3.64
N ARG A 30 13.71 10.42 -2.46
CA ARG A 30 13.80 11.51 -1.46
C ARG A 30 12.37 11.98 -0.99
N HIS A 1 -19.04 -5.08 5.08
CA HIS A 1 -20.38 -5.73 5.37
C HIS A 1 -20.09 -7.06 6.07
N ALA A 2 -21.07 -7.88 6.36
CA ALA A 2 -20.74 -9.18 7.01
C ALA A 2 -19.96 -9.85 5.79
N GLU A 3 -19.30 -10.97 5.94
CA GLU A 3 -18.51 -11.63 4.81
C GLU A 3 -17.91 -10.77 3.61
N GLY A 4 -17.88 -9.46 3.74
CA GLY A 4 -17.36 -8.51 2.70
C GLY A 4 -16.90 -7.17 3.28
N THR A 5 -15.75 -7.17 3.88
CA THR A 5 -15.17 -5.91 4.50
C THR A 5 -13.71 -5.75 4.08
N PHE A 6 -13.57 -5.67 2.79
CA PHE A 6 -12.26 -5.51 2.05
C PHE A 6 -10.94 -6.09 2.64
N THR A 7 -10.48 -5.56 3.75
CA THR A 7 -9.18 -6.04 4.39
C THR A 7 -8.11 -6.50 3.35
N SER A 8 -8.15 -7.73 2.91
CA SER A 8 -7.18 -8.26 1.91
C SER A 8 -6.83 -7.35 0.73
N ASP A 9 -7.81 -6.80 0.06
CA ASP A 9 -7.52 -5.89 -1.10
C ASP A 9 -7.02 -4.51 -0.60
N VAL A 10 -7.86 -3.81 0.10
CA VAL A 10 -7.50 -2.46 0.65
C VAL A 10 -6.06 -2.42 1.21
N SER A 11 -5.65 -3.37 2.02
CA SER A 11 -4.24 -3.33 2.56
C SER A 11 -3.32 -3.74 1.41
N SER A 12 -3.53 -4.89 0.83
CA SER A 12 -2.67 -5.38 -0.34
C SER A 12 -2.24 -4.19 -1.20
N TYR A 13 -3.21 -3.35 -1.43
CA TYR A 13 -3.02 -2.11 -2.22
C TYR A 13 -2.27 -1.07 -1.35
N LEU A 14 -2.80 -0.69 -0.22
CA LEU A 14 -2.12 0.30 0.69
C LEU A 14 -0.61 -0.03 0.88
N GLU A 15 -0.31 -1.20 1.40
CA GLU A 15 1.12 -1.60 1.61
C GLU A 15 1.89 -1.44 0.28
N GLY A 16 1.38 -2.11 -0.72
CA GLY A 16 1.94 -2.12 -2.13
C GLY A 16 2.19 -0.72 -2.67
N GLN A 17 1.30 0.14 -2.29
CA GLN A 17 1.34 1.58 -2.68
C GLN A 17 2.50 2.24 -1.88
N ALA A 18 2.29 2.33 -0.60
CA ALA A 18 3.27 2.94 0.36
C ALA A 18 4.74 2.51 0.10
N ALA A 19 4.93 1.21 0.10
CA ALA A 19 6.26 0.55 -0.12
C ALA A 19 7.23 1.28 -1.08
N LYS A 20 6.64 1.89 -2.08
CA LYS A 20 7.40 2.64 -3.11
C LYS A 20 7.07 4.15 -3.05
N GLU A 21 5.84 4.46 -3.27
CA GLU A 21 5.37 5.90 -3.24
C GLU A 21 5.67 6.65 -1.93
N PHE A 22 5.56 5.97 -0.82
CA PHE A 22 5.83 6.65 0.49
C PHE A 22 7.36 6.70 0.64
N ILE A 23 8.01 5.60 0.36
CA ILE A 23 9.51 5.59 0.47
C ILE A 23 10.02 6.80 -0.36
N ALA A 24 9.51 6.92 -1.56
CA ALA A 24 9.87 8.04 -2.48
C ALA A 24 9.56 9.34 -1.69
N TRP A 25 8.31 9.56 -1.38
CA TRP A 25 7.82 10.76 -0.60
C TRP A 25 8.88 11.32 0.39
N LEU A 26 9.16 10.43 1.30
CA LEU A 26 10.14 10.64 2.40
C LEU A 26 11.51 11.24 1.97
N VAL A 27 11.84 10.87 0.76
CA VAL A 27 13.07 11.19 -0.06
C VAL A 27 13.80 9.84 -0.27
N LYS A 28 13.01 8.95 -0.81
CA LYS A 28 13.42 7.54 -1.13
C LYS A 28 13.85 6.64 0.06
N GLY A 29 13.54 7.03 1.28
CA GLY A 29 13.94 6.16 2.48
C GLY A 29 15.06 6.74 3.36
N ARG A 30 14.83 7.94 3.79
CA ARG A 30 15.77 8.71 4.67
C ARG A 30 14.93 9.37 5.81
N HIS A 1 -12.58 -10.46 6.12
CA HIS A 1 -12.25 -11.56 7.09
C HIS A 1 -13.33 -11.89 8.19
N ALA A 2 -13.26 -11.26 9.36
CA ALA A 2 -14.22 -11.48 10.52
C ALA A 2 -15.69 -11.89 10.19
N GLU A 3 -16.14 -11.26 9.17
CA GLU A 3 -17.51 -11.39 8.56
C GLU A 3 -17.49 -12.07 7.16
N GLY A 4 -16.34 -11.96 6.55
CA GLY A 4 -16.05 -12.51 5.18
C GLY A 4 -15.16 -11.57 4.36
N THR A 5 -15.72 -10.47 3.94
CA THR A 5 -15.05 -9.37 3.11
C THR A 5 -13.53 -9.39 2.84
N PHE A 6 -13.15 -8.96 1.67
CA PHE A 6 -11.71 -8.90 1.24
C PHE A 6 -10.84 -7.80 1.93
N THR A 7 -10.79 -7.92 3.23
CA THR A 7 -9.99 -6.97 4.09
C THR A 7 -8.52 -7.00 3.71
N SER A 8 -8.03 -8.19 3.58
CA SER A 8 -6.59 -8.47 3.18
C SER A 8 -6.31 -7.67 1.91
N ASP A 9 -7.06 -8.05 0.93
CA ASP A 9 -7.06 -7.50 -0.44
C ASP A 9 -6.98 -5.94 -0.35
N VAL A 10 -8.03 -5.35 0.12
CA VAL A 10 -8.12 -3.85 0.28
C VAL A 10 -6.85 -3.23 0.91
N SER A 11 -6.57 -3.60 2.13
CA SER A 11 -5.34 -3.05 2.83
C SER A 11 -4.05 -3.26 2.01
N SER A 12 -3.78 -4.50 1.72
CA SER A 12 -2.55 -4.87 0.91
C SER A 12 -2.47 -4.04 -0.39
N TYR A 13 -3.55 -4.06 -1.13
CA TYR A 13 -3.67 -3.33 -2.42
C TYR A 13 -3.28 -1.84 -2.21
N LEU A 14 -3.88 -1.22 -1.24
CA LEU A 14 -3.58 0.21 -0.94
C LEU A 14 -2.06 0.39 -0.64
N GLU A 15 -1.58 -0.37 0.32
CA GLU A 15 -0.13 -0.28 0.68
C GLU A 15 0.76 -0.38 -0.58
N GLY A 16 0.55 -1.41 -1.37
CA GLY A 16 1.32 -1.64 -2.66
C GLY A 16 1.75 -0.37 -3.41
N GLN A 17 0.94 0.63 -3.25
CA GLN A 17 1.16 1.97 -3.87
C GLN A 17 1.84 2.87 -2.81
N ALA A 18 1.23 2.99 -1.67
CA ALA A 18 1.79 3.85 -0.55
C ALA A 18 3.29 3.50 -0.35
N ALA A 19 3.55 2.25 -0.09
CA ALA A 19 4.93 1.71 0.11
C ALA A 19 5.91 2.39 -0.87
N LYS A 20 5.52 2.43 -2.11
CA LYS A 20 6.34 3.05 -3.20
C LYS A 20 6.40 4.58 -3.00
N GLU A 21 5.27 5.21 -2.93
CA GLU A 21 5.26 6.70 -2.74
C GLU A 21 6.20 7.12 -1.60
N PHE A 22 6.15 6.37 -0.54
CA PHE A 22 6.99 6.65 0.64
C PHE A 22 8.42 6.22 0.41
N ILE A 23 8.65 5.04 -0.11
CA ILE A 23 10.05 4.56 -0.36
C ILE A 23 10.95 5.73 -0.87
N ALA A 24 10.38 6.44 -1.80
CA ALA A 24 11.06 7.61 -2.42
C ALA A 24 10.94 8.83 -1.44
N TRP A 25 9.77 9.08 -0.92
CA TRP A 25 9.52 10.21 0.07
C TRP A 25 10.71 10.32 1.07
N LEU A 26 10.87 9.20 1.70
CA LEU A 26 11.89 8.89 2.76
C LEU A 26 13.36 9.18 2.41
N VAL A 27 13.63 9.44 1.17
CA VAL A 27 15.03 9.73 0.74
C VAL A 27 15.10 11.11 0.06
N LYS A 28 14.13 11.42 -0.76
CA LYS A 28 14.13 12.75 -1.46
C LYS A 28 12.78 13.52 -1.60
N GLY A 29 11.82 13.31 -0.72
CA GLY A 29 10.49 14.06 -0.82
C GLY A 29 9.26 13.34 -1.40
N ARG A 30 9.54 12.59 -2.44
CA ARG A 30 8.54 11.78 -3.23
C ARG A 30 9.09 11.60 -4.68
N HIS A 1 -6.47 -7.38 -7.61
CA HIS A 1 -7.51 -7.87 -6.66
C HIS A 1 -7.94 -9.28 -7.05
N ALA A 2 -8.51 -10.00 -6.12
CA ALA A 2 -9.01 -11.39 -6.36
C ALA A 2 -10.45 -11.39 -5.77
N GLU A 3 -10.60 -11.89 -4.59
CA GLU A 3 -11.94 -11.93 -3.90
C GLU A 3 -11.76 -10.68 -2.98
N GLY A 4 -11.58 -9.61 -3.70
CA GLY A 4 -11.35 -8.25 -3.11
C GLY A 4 -12.37 -7.11 -3.11
N THR A 5 -11.75 -5.98 -2.96
CA THR A 5 -12.32 -4.57 -2.88
C THR A 5 -11.95 -4.14 -1.47
N PHE A 6 -12.82 -3.55 -0.68
CA PHE A 6 -12.39 -3.16 0.71
C PHE A 6 -12.39 -4.34 1.70
N THR A 7 -12.02 -5.46 1.16
CA THR A 7 -11.95 -6.74 1.94
C THR A 7 -10.57 -7.36 1.68
N SER A 8 -9.64 -6.97 2.51
CA SER A 8 -8.22 -7.48 2.41
C SER A 8 -7.42 -6.85 1.24
N ASP A 9 -7.97 -6.91 0.06
CA ASP A 9 -7.32 -6.37 -1.18
C ASP A 9 -6.76 -4.95 -0.88
N VAL A 10 -7.68 -4.06 -0.67
CA VAL A 10 -7.36 -2.62 -0.34
C VAL A 10 -6.09 -2.50 0.57
N SER A 11 -6.11 -3.30 1.60
CA SER A 11 -4.96 -3.33 2.59
C SER A 11 -3.71 -3.81 1.85
N SER A 12 -3.79 -4.99 1.30
CA SER A 12 -2.62 -5.58 0.53
C SER A 12 -1.98 -4.51 -0.35
N TYR A 13 -2.79 -3.78 -1.07
CA TYR A 13 -2.24 -2.70 -1.96
C TYR A 13 -1.33 -1.80 -1.08
N LEU A 14 -1.91 -1.25 -0.06
CA LEU A 14 -1.15 -0.37 0.89
C LEU A 14 0.18 -1.09 1.26
N GLU A 15 0.06 -2.27 1.80
CA GLU A 15 1.23 -3.11 2.20
C GLU A 15 2.36 -3.14 1.12
N GLY A 16 1.95 -3.49 -0.06
CA GLY A 16 2.90 -3.58 -1.25
C GLY A 16 3.25 -2.25 -1.93
N GLN A 17 2.47 -1.23 -1.70
CA GLN A 17 2.72 0.12 -2.31
C GLN A 17 3.12 1.23 -1.31
N ALA A 18 2.28 1.49 -0.33
CA ALA A 18 2.55 2.54 0.72
C ALA A 18 4.06 2.70 1.02
N ALA A 19 4.64 1.57 1.29
CA ALA A 19 6.10 1.49 1.59
C ALA A 19 6.87 2.33 0.53
N LYS A 20 6.66 2.01 -0.71
CA LYS A 20 7.34 2.74 -1.84
C LYS A 20 6.87 4.20 -1.87
N GLU A 21 5.58 4.37 -1.90
CA GLU A 21 4.92 5.72 -1.93
C GLU A 21 5.61 6.69 -0.92
N PHE A 22 5.87 6.21 0.27
CA PHE A 22 6.51 7.04 1.32
C PHE A 22 8.02 7.08 1.03
N ILE A 23 8.64 5.95 0.76
CA ILE A 23 10.10 5.97 0.45
C ILE A 23 10.40 7.12 -0.54
N ALA A 24 9.56 7.16 -1.55
CA ALA A 24 9.61 8.18 -2.64
C ALA A 24 9.48 9.56 -1.95
N TRP A 25 8.38 9.79 -1.29
CA TRP A 25 8.09 11.08 -0.54
C TRP A 25 9.34 11.81 0.02
N LEU A 26 10.08 11.05 0.76
CA LEU A 26 11.33 11.53 1.43
C LEU A 26 12.61 11.73 0.57
N VAL A 27 12.46 11.53 -0.71
CA VAL A 27 13.49 11.65 -1.81
C VAL A 27 13.92 10.20 -1.92
N LYS A 28 13.01 9.37 -2.36
CA LYS A 28 13.25 7.90 -2.51
C LYS A 28 14.28 7.27 -1.52
N GLY A 29 14.21 7.73 -0.29
CA GLY A 29 15.16 7.21 0.79
C GLY A 29 16.45 7.99 1.13
N ARG A 30 16.79 8.95 0.33
CA ARG A 30 18.01 9.87 0.42
C ARG A 30 18.76 9.70 -0.92
N HIS A 1 -18.00 -11.01 -6.77
CA HIS A 1 -18.49 -10.93 -5.37
C HIS A 1 -18.08 -12.27 -4.72
N ALA A 2 -17.92 -12.27 -3.42
CA ALA A 2 -17.53 -13.41 -2.51
C ALA A 2 -16.17 -12.97 -1.89
N GLU A 3 -15.24 -12.62 -2.76
CA GLU A 3 -13.86 -12.15 -2.35
C GLU A 3 -13.81 -11.55 -0.93
N GLY A 4 -14.67 -10.57 -0.72
CA GLY A 4 -14.82 -9.83 0.60
C GLY A 4 -14.20 -10.54 1.81
N THR A 5 -14.46 -11.81 1.92
CA THR A 5 -13.92 -12.67 3.05
C THR A 5 -12.49 -12.33 3.49
N PHE A 6 -11.66 -11.96 2.55
CA PHE A 6 -10.23 -11.62 2.88
C PHE A 6 -9.89 -10.10 2.88
N THR A 7 -10.86 -9.26 3.15
CA THR A 7 -10.73 -7.74 3.20
C THR A 7 -9.31 -7.12 3.21
N SER A 8 -8.39 -7.76 3.88
CA SER A 8 -6.97 -7.26 3.94
C SER A 8 -6.54 -6.92 2.51
N ASP A 9 -7.05 -7.68 1.57
CA ASP A 9 -6.77 -7.50 0.12
C ASP A 9 -6.92 -5.97 -0.21
N VAL A 10 -8.06 -5.43 0.09
CA VAL A 10 -8.35 -3.96 -0.16
C VAL A 10 -7.21 -3.14 0.47
N SER A 11 -6.86 -3.50 1.67
CA SER A 11 -5.74 -2.79 2.41
C SER A 11 -4.49 -2.87 1.50
N SER A 12 -4.10 -4.08 1.17
CA SER A 12 -2.90 -4.34 0.29
C SER A 12 -2.85 -3.36 -0.89
N TYR A 13 -3.96 -3.25 -1.59
CA TYR A 13 -4.01 -2.29 -2.76
C TYR A 13 -3.35 -0.94 -2.41
N LEU A 14 -3.51 -0.58 -1.19
CA LEU A 14 -2.94 0.70 -0.65
C LEU A 14 -1.54 0.35 -0.07
N GLU A 15 -1.44 -0.54 0.87
CA GLU A 15 -0.11 -0.94 1.50
C GLU A 15 0.89 -1.40 0.40
N GLY A 16 0.50 -2.50 -0.20
CA GLY A 16 1.22 -3.22 -1.31
C GLY A 16 1.81 -2.23 -2.29
N GLN A 17 1.04 -1.20 -2.51
CA GLN A 17 1.40 -0.08 -3.43
C GLN A 17 2.31 0.91 -2.63
N ALA A 18 1.72 1.66 -1.73
CA ALA A 18 2.41 2.68 -0.84
C ALA A 18 3.90 2.40 -0.61
N ALA A 19 4.21 1.20 -0.24
CA ALA A 19 5.65 0.80 0.01
C ALA A 19 6.69 1.56 -0.88
N LYS A 20 6.35 1.76 -2.12
CA LYS A 20 7.28 2.49 -3.08
C LYS A 20 7.21 4.01 -2.74
N GLU A 21 6.01 4.48 -2.65
CA GLU A 21 5.74 5.92 -2.32
C GLU A 21 6.55 6.31 -1.05
N PHE A 22 6.56 5.42 -0.10
CA PHE A 22 7.28 5.67 1.19
C PHE A 22 8.76 5.81 0.87
N ILE A 23 9.26 4.93 0.05
CA ILE A 23 10.71 5.07 -0.28
C ILE A 23 10.95 6.53 -0.74
N ALA A 24 10.17 6.92 -1.71
CA ALA A 24 10.25 8.30 -2.27
C ALA A 24 10.12 9.37 -1.14
N TRP A 25 9.03 9.30 -0.41
CA TRP A 25 8.70 10.22 0.73
C TRP A 25 9.94 10.83 1.41
N LEU A 26 10.79 9.91 1.76
CA LEU A 26 12.08 10.20 2.44
C LEU A 26 13.26 10.39 1.44
N VAL A 27 13.41 9.53 0.48
CA VAL A 27 14.54 9.69 -0.53
C VAL A 27 14.57 11.14 -1.07
N LYS A 28 13.41 11.67 -1.33
CA LYS A 28 13.33 13.08 -1.87
C LYS A 28 13.29 14.11 -0.70
N GLY A 29 14.34 14.15 0.08
CA GLY A 29 14.40 15.13 1.25
C GLY A 29 14.66 14.69 2.70
N ARG A 30 15.05 13.47 2.94
CA ARG A 30 15.31 13.02 4.36
C ARG A 30 16.80 12.56 4.45
N HIS A 1 -16.22 -8.58 -1.09
CA HIS A 1 -16.67 -9.99 -0.88
C HIS A 1 -17.34 -10.57 -2.15
N ALA A 2 -16.56 -10.53 -3.18
CA ALA A 2 -16.97 -11.04 -4.53
C ALA A 2 -15.65 -11.62 -5.08
N GLU A 3 -15.69 -12.68 -5.84
CA GLU A 3 -14.42 -13.32 -6.43
C GLU A 3 -13.35 -13.81 -5.39
N GLY A 4 -12.82 -12.90 -4.64
CA GLY A 4 -11.77 -13.15 -3.57
C GLY A 4 -10.97 -11.86 -3.52
N THR A 5 -10.39 -11.54 -4.62
CA THR A 5 -9.57 -10.30 -4.81
C THR A 5 -10.30 -9.10 -4.18
N PHE A 6 -9.58 -8.08 -3.84
CA PHE A 6 -10.17 -6.84 -3.21
C PHE A 6 -10.88 -7.15 -1.83
N THR A 7 -11.22 -8.39 -1.57
CA THR A 7 -11.91 -8.76 -0.29
C THR A 7 -10.90 -9.17 0.78
N SER A 8 -10.24 -8.14 1.21
CA SER A 8 -9.15 -8.14 2.27
C SER A 8 -8.03 -7.41 1.57
N ASP A 9 -7.56 -8.01 0.50
CA ASP A 9 -6.46 -7.47 -0.38
C ASP A 9 -6.17 -5.97 -0.07
N VAL A 10 -7.13 -5.20 -0.51
CA VAL A 10 -7.16 -3.70 -0.36
C VAL A 10 -6.33 -3.23 0.86
N SER A 11 -6.66 -3.82 1.97
CA SER A 11 -5.99 -3.53 3.30
C SER A 11 -4.45 -3.55 3.15
N SER A 12 -3.96 -4.65 2.67
CA SER A 12 -2.47 -4.78 2.47
C SER A 12 -2.02 -3.95 1.28
N TYR A 13 -2.85 -3.96 0.26
CA TYR A 13 -2.56 -3.17 -0.99
C TYR A 13 -2.14 -1.74 -0.56
N LEU A 14 -2.99 -1.09 0.19
CA LEU A 14 -2.74 0.31 0.70
C LEU A 14 -1.28 0.45 1.22
N GLU A 15 -0.97 -0.25 2.28
CA GLU A 15 0.41 -0.19 2.87
C GLU A 15 1.47 -0.45 1.78
N GLY A 16 1.34 -1.54 1.05
CA GLY A 16 2.33 -1.88 -0.05
C GLY A 16 2.52 -0.67 -0.97
N GLN A 17 1.42 -0.20 -1.47
CA GLN A 17 1.35 0.98 -2.38
C GLN A 17 2.16 2.15 -1.75
N ALA A 18 1.69 2.53 -0.59
CA ALA A 18 2.28 3.63 0.24
C ALA A 18 3.81 3.50 0.46
N ALA A 19 4.22 2.36 0.98
CA ALA A 19 5.67 2.09 1.24
C ALA A 19 6.53 2.73 0.12
N LYS A 20 6.25 2.30 -1.08
CA LYS A 20 6.96 2.80 -2.31
C LYS A 20 6.90 4.37 -2.36
N GLU A 21 5.70 4.84 -2.56
CA GLU A 21 5.37 6.30 -2.64
C GLU A 21 6.16 7.13 -1.60
N PHE A 22 6.19 6.63 -0.40
CA PHE A 22 6.90 7.32 0.70
C PHE A 22 8.38 7.13 0.47
N ILE A 23 8.82 5.93 0.18
CA ILE A 23 10.28 5.71 -0.06
C ILE A 23 10.77 6.85 -0.99
N ALA A 24 9.98 7.11 -2.00
CA ALA A 24 10.31 8.20 -2.97
C ALA A 24 10.20 9.55 -2.20
N TRP A 25 9.05 9.82 -1.65
CA TRP A 25 8.77 11.07 -0.84
C TRP A 25 10.00 11.50 -0.01
N LEU A 26 10.48 10.52 0.68
CA LEU A 26 11.66 10.59 1.60
C LEU A 26 13.02 10.60 0.84
N VAL A 27 13.08 11.50 -0.10
CA VAL A 27 14.28 11.72 -0.98
C VAL A 27 14.84 10.35 -1.38
N LYS A 28 13.91 9.57 -1.83
CA LYS A 28 14.19 8.18 -2.29
C LYS A 28 14.92 7.22 -1.29
N GLY A 29 14.31 6.96 -0.15
CA GLY A 29 14.93 6.04 0.88
C GLY A 29 15.09 6.42 2.36
N ARG A 30 14.97 7.66 2.75
CA ARG A 30 15.14 8.02 4.21
C ARG A 30 14.31 9.28 4.54
N HIS A 1 -15.27 -6.50 -9.35
CA HIS A 1 -16.17 -6.54 -8.13
C HIS A 1 -15.86 -7.85 -7.39
N ALA A 2 -16.33 -7.99 -6.19
CA ALA A 2 -16.09 -9.23 -5.38
C ALA A 2 -17.42 -9.56 -4.66
N GLU A 3 -17.55 -9.01 -3.50
CA GLU A 3 -18.73 -9.17 -2.59
C GLU A 3 -19.54 -7.84 -2.41
N GLY A 4 -18.88 -6.74 -2.66
CA GLY A 4 -19.50 -5.37 -2.54
C GLY A 4 -18.64 -4.43 -1.68
N THR A 5 -17.93 -4.98 -0.73
CA THR A 5 -17.05 -4.16 0.20
C THR A 5 -15.73 -4.83 0.65
N PHE A 6 -14.99 -5.38 -0.27
CA PHE A 6 -13.69 -6.04 0.08
C PHE A 6 -12.75 -5.21 1.04
N THR A 7 -11.98 -5.91 1.82
CA THR A 7 -11.02 -5.24 2.80
C THR A 7 -9.59 -5.83 2.80
N SER A 8 -9.49 -7.11 3.07
CA SER A 8 -8.16 -7.84 3.10
C SER A 8 -7.29 -7.46 1.89
N ASP A 9 -7.97 -7.31 0.79
CA ASP A 9 -7.30 -6.94 -0.48
C ASP A 9 -6.92 -5.44 -0.32
N VAL A 10 -7.92 -4.59 -0.29
CA VAL A 10 -7.73 -3.10 -0.13
C VAL A 10 -6.45 -2.74 0.65
N SER A 11 -6.32 -3.28 1.84
CA SER A 11 -5.09 -2.98 2.66
C SER A 11 -3.84 -3.39 1.88
N SER A 12 -3.76 -4.67 1.57
CA SER A 12 -2.61 -5.25 0.79
C SER A 12 -2.29 -4.38 -0.43
N TYR A 13 -3.34 -4.16 -1.18
CA TYR A 13 -3.31 -3.33 -2.44
C TYR A 13 -2.58 -1.99 -2.16
N LEU A 14 -3.13 -1.28 -1.21
CA LEU A 14 -2.56 0.04 -0.82
C LEU A 14 -1.08 -0.15 -0.38
N GLU A 15 -0.86 -1.05 0.54
CA GLU A 15 0.50 -1.37 1.07
C GLU A 15 1.50 -1.47 -0.11
N GLY A 16 1.18 -2.36 -1.02
CA GLY A 16 1.98 -2.63 -2.29
C GLY A 16 2.62 -1.37 -2.87
N GLN A 17 1.93 -0.29 -2.69
CA GLN A 17 2.40 1.04 -3.17
C GLN A 17 2.96 1.84 -1.99
N ALA A 18 2.21 1.95 -0.92
CA ALA A 18 2.68 2.70 0.29
C ALA A 18 4.17 2.42 0.59
N ALA A 19 4.51 1.16 0.60
CA ALA A 19 5.94 0.76 0.87
C ALA A 19 6.88 1.51 -0.13
N LYS A 20 6.54 1.40 -1.38
CA LYS A 20 7.33 2.06 -2.46
C LYS A 20 7.36 3.59 -2.20
N GLU A 21 6.19 4.16 -2.04
CA GLU A 21 6.11 5.63 -1.78
C GLU A 21 6.84 6.01 -0.47
N PHE A 22 7.06 5.07 0.40
CA PHE A 22 7.77 5.36 1.69
C PHE A 22 9.24 5.46 1.23
N ILE A 23 9.71 4.44 0.54
CA ILE A 23 11.13 4.47 0.04
C ILE A 23 11.35 5.87 -0.63
N ALA A 24 10.37 6.21 -1.42
CA ALA A 24 10.38 7.52 -2.15
C ALA A 24 10.06 8.72 -1.19
N TRP A 25 9.33 8.49 -0.13
CA TRP A 25 8.97 9.57 0.87
C TRP A 25 10.22 10.43 1.15
N LEU A 26 11.28 9.74 1.41
CA LEU A 26 12.60 10.41 1.68
C LEU A 26 12.91 11.26 0.40
N VAL A 27 12.99 10.55 -0.69
CA VAL A 27 13.28 11.17 -2.05
C VAL A 27 12.44 12.44 -2.34
N LYS A 28 11.31 12.57 -1.68
CA LYS A 28 10.40 13.77 -1.86
C LYS A 28 11.18 15.10 -1.60
N GLY A 29 12.19 14.99 -0.77
CA GLY A 29 13.06 16.19 -0.42
C GLY A 29 14.14 16.29 -1.49
N ARG A 30 14.54 15.11 -1.87
CA ARG A 30 15.57 14.72 -2.89
C ARG A 30 16.60 13.61 -2.47
N HIS A 1 -11.42 -7.76 0.09
CA HIS A 1 -12.35 -8.29 1.14
C HIS A 1 -13.87 -7.97 0.99
N ALA A 2 -14.25 -6.75 0.75
CA ALA A 2 -15.72 -6.38 0.60
C ALA A 2 -16.07 -6.06 -0.89
N GLU A 3 -15.16 -5.34 -1.44
CA GLU A 3 -15.15 -4.83 -2.84
C GLU A 3 -14.48 -5.85 -3.84
N GLY A 4 -13.70 -6.73 -3.29
CA GLY A 4 -12.95 -7.80 -4.07
C GLY A 4 -11.60 -8.25 -3.47
N THR A 5 -10.70 -8.62 -4.33
CA THR A 5 -9.31 -9.09 -3.91
C THR A 5 -8.23 -8.07 -4.28
N PHE A 6 -7.05 -8.19 -3.71
CA PHE A 6 -5.91 -7.24 -4.00
C PHE A 6 -6.29 -5.79 -3.53
N THR A 7 -7.06 -5.72 -2.47
CA THR A 7 -7.53 -4.40 -1.88
C THR A 7 -7.10 -4.21 -0.42
N SER A 8 -7.63 -5.08 0.39
CA SER A 8 -7.42 -5.21 1.89
C SER A 8 -6.33 -6.27 2.00
N ASP A 9 -6.34 -7.04 0.97
CA ASP A 9 -5.41 -8.15 0.72
C ASP A 9 -4.07 -7.36 0.46
N VAL A 10 -2.99 -7.99 0.12
CA VAL A 10 -1.72 -7.22 -0.12
C VAL A 10 -1.42 -6.13 0.97
N SER A 11 -2.02 -6.28 2.14
CA SER A 11 -1.83 -5.32 3.30
C SER A 11 -2.54 -4.04 2.95
N SER A 12 -3.80 -4.13 2.60
CA SER A 12 -4.57 -2.88 2.18
C SER A 12 -3.71 -2.39 1.01
N TYR A 13 -3.20 -3.38 0.29
CA TYR A 13 -2.29 -3.14 -0.89
C TYR A 13 -1.30 -2.07 -0.37
N LEU A 14 -0.85 -2.49 0.80
CA LEU A 14 0.13 -1.78 1.69
C LEU A 14 -0.42 -0.33 1.86
N GLU A 15 -1.65 -0.35 2.28
CA GLU A 15 -2.53 0.84 2.56
C GLU A 15 -2.18 1.96 1.56
N GLY A 16 -2.49 1.56 0.34
CA GLY A 16 -2.27 2.44 -0.87
C GLY A 16 -0.76 2.69 -0.92
N GLN A 17 -0.06 1.60 -0.75
CA GLN A 17 1.43 1.53 -0.73
C GLN A 17 2.02 2.85 -0.20
N ALA A 18 1.63 3.03 1.04
CA ALA A 18 1.97 4.19 1.92
C ALA A 18 2.09 5.51 1.13
N ALA A 19 0.98 5.77 0.49
CA ALA A 19 0.83 6.99 -0.36
C ALA A 19 1.99 7.07 -1.37
N LYS A 20 2.24 5.95 -2.00
CA LYS A 20 3.31 5.75 -3.03
C LYS A 20 4.31 6.93 -3.27
N GLU A 21 3.88 7.96 -3.93
CA GLU A 21 4.75 9.16 -4.23
C GLU A 21 5.63 9.56 -3.00
N PHE A 22 5.07 9.31 -1.85
CA PHE A 22 5.68 9.58 -0.51
C PHE A 22 6.43 8.31 -0.07
N ILE A 23 5.84 7.13 -0.08
CA ILE A 23 6.65 5.92 0.35
C ILE A 23 8.05 6.01 -0.34
N ALA A 24 8.01 6.35 -1.60
CA ALA A 24 9.27 6.50 -2.40
C ALA A 24 10.29 7.32 -1.55
N TRP A 25 9.80 8.45 -1.10
CA TRP A 25 10.58 9.42 -0.26
C TRP A 25 11.32 8.72 0.93
N LEU A 26 10.78 7.62 1.38
CA LEU A 26 11.35 6.81 2.51
C LEU A 26 12.29 5.65 2.08
N VAL A 27 12.17 5.22 0.85
CA VAL A 27 13.04 4.09 0.34
C VAL A 27 14.14 4.54 -0.63
N LYS A 28 13.87 5.58 -1.36
CA LYS A 28 14.85 6.15 -2.35
C LYS A 28 14.81 7.70 -2.31
N GLY A 29 14.49 8.18 -1.14
CA GLY A 29 14.39 9.66 -0.84
C GLY A 29 15.11 10.02 0.47
N ARG A 30 15.80 9.05 0.98
CA ARG A 30 16.59 9.15 2.25
C ARG A 30 18.07 8.84 1.95
N HIS A 1 -13.75 -13.44 -0.04
CA HIS A 1 -12.45 -12.71 -0.05
C HIS A 1 -11.98 -12.64 1.42
N ALA A 2 -10.70 -12.56 1.67
CA ALA A 2 -10.09 -12.48 3.07
C ALA A 2 -9.94 -13.90 3.72
N GLU A 3 -9.88 -14.88 2.87
CA GLU A 3 -9.73 -16.31 3.30
C GLU A 3 -8.49 -17.00 2.71
N GLY A 4 -8.27 -16.80 1.44
CA GLY A 4 -7.08 -17.43 0.74
C GLY A 4 -6.03 -16.49 0.12
N THR A 5 -6.45 -15.56 -0.68
CA THR A 5 -5.46 -14.60 -1.32
C THR A 5 -6.02 -13.20 -1.60
N PHE A 6 -5.13 -12.27 -1.89
CA PHE A 6 -5.44 -10.83 -2.20
C PHE A 6 -6.80 -10.48 -2.92
N THR A 7 -7.88 -10.71 -2.24
CA THR A 7 -9.29 -10.45 -2.74
C THR A 7 -10.01 -9.43 -1.84
N SER A 8 -9.54 -9.37 -0.63
CA SER A 8 -10.08 -8.44 0.45
C SER A 8 -8.85 -7.65 0.94
N ASP A 9 -7.96 -8.48 1.40
CA ASP A 9 -6.60 -8.21 1.96
C ASP A 9 -6.07 -6.85 1.40
N VAL A 10 -6.09 -6.83 0.09
CA VAL A 10 -5.67 -5.67 -0.77
C VAL A 10 -5.73 -4.32 -0.01
N SER A 11 -6.88 -4.08 0.57
CA SER A 11 -7.17 -2.83 1.39
C SER A 11 -5.92 -2.23 2.05
N SER A 12 -5.20 -3.10 2.70
CA SER A 12 -3.94 -2.66 3.40
C SER A 12 -2.84 -2.51 2.38
N TYR A 13 -2.68 -3.49 1.52
CA TYR A 13 -1.61 -3.41 0.45
C TYR A 13 -1.47 -1.95 -0.11
N LEU A 14 -2.61 -1.30 -0.12
CA LEU A 14 -2.76 0.11 -0.59
C LEU A 14 -2.21 1.07 0.51
N GLU A 15 -2.61 0.94 1.75
CA GLU A 15 -2.06 1.88 2.81
C GLU A 15 -0.51 1.66 2.70
N GLY A 16 -0.15 0.40 2.66
CA GLY A 16 1.28 -0.04 2.53
C GLY A 16 1.85 0.61 1.25
N GLN A 17 1.04 0.70 0.23
CA GLN A 17 1.48 1.31 -1.08
C GLN A 17 1.97 2.75 -0.75
N ALA A 18 1.13 3.49 -0.09
CA ALA A 18 1.47 4.89 0.32
C ALA A 18 2.83 4.84 1.09
N ALA A 19 2.88 3.97 2.07
CA ALA A 19 4.16 3.83 2.88
C ALA A 19 5.35 3.70 1.88
N LYS A 20 5.28 2.73 1.00
CA LYS A 20 6.38 2.51 -0.03
C LYS A 20 6.77 3.85 -0.69
N GLU A 21 5.80 4.51 -1.25
CA GLU A 21 6.07 5.84 -1.92
C GLU A 21 6.71 6.86 -0.95
N PHE A 22 6.29 6.86 0.28
CA PHE A 22 6.86 7.81 1.29
C PHE A 22 8.32 7.42 1.43
N ILE A 23 8.57 6.14 1.54
CA ILE A 23 9.99 5.70 1.67
C ILE A 23 10.73 6.30 0.45
N ALA A 24 10.22 6.01 -0.72
CA ALA A 24 10.81 6.53 -1.99
C ALA A 24 11.00 8.08 -1.90
N TRP A 25 10.04 8.75 -1.32
CA TRP A 25 10.06 10.24 -1.12
C TRP A 25 11.42 10.80 -0.64
N LEU A 26 12.16 9.99 0.08
CA LEU A 26 13.51 10.39 0.62
C LEU A 26 14.75 9.89 -0.19
N VAL A 27 14.43 9.46 -1.37
CA VAL A 27 15.44 8.93 -2.38
C VAL A 27 15.17 9.69 -3.70
N LYS A 28 13.90 9.79 -3.95
CA LYS A 28 13.29 10.47 -5.13
C LYS A 28 12.53 11.77 -4.72
N GLY A 29 13.26 12.79 -4.31
CA GLY A 29 12.58 14.09 -3.90
C GLY A 29 13.15 15.02 -2.81
N ARG A 30 13.04 14.66 -1.57
CA ARG A 30 13.58 15.54 -0.47
C ARG A 30 14.02 14.82 0.83
N HIS A 1 -15.48 -10.13 -1.51
CA HIS A 1 -16.37 -11.00 -2.36
C HIS A 1 -17.83 -10.50 -2.13
N ALA A 2 -18.10 -9.37 -2.71
CA ALA A 2 -19.43 -8.65 -2.64
C ALA A 2 -19.31 -7.39 -3.55
N GLU A 3 -18.10 -6.91 -3.56
CA GLU A 3 -17.63 -5.71 -4.31
C GLU A 3 -17.06 -6.12 -5.72
N GLY A 4 -16.00 -6.85 -5.70
CA GLY A 4 -15.28 -7.37 -6.92
C GLY A 4 -14.52 -8.63 -6.52
N THR A 5 -13.53 -8.38 -5.73
CA THR A 5 -12.62 -9.45 -5.17
C THR A 5 -12.80 -9.51 -3.65
N PHE A 6 -12.18 -8.61 -2.94
CA PHE A 6 -12.29 -8.53 -1.44
C PHE A 6 -12.01 -7.15 -0.79
N THR A 7 -12.99 -6.59 -0.14
CA THR A 7 -12.83 -5.25 0.56
C THR A 7 -11.43 -4.93 1.14
N SER A 8 -10.72 -5.94 1.56
CA SER A 8 -9.34 -5.73 2.16
C SER A 8 -8.16 -5.75 1.16
N ASP A 9 -8.37 -6.22 -0.04
CA ASP A 9 -7.29 -6.26 -1.07
C ASP A 9 -6.65 -4.83 -1.09
N VAL A 10 -7.55 -3.89 -1.04
CA VAL A 10 -7.21 -2.42 -1.02
C VAL A 10 -6.14 -2.23 0.09
N SER A 11 -6.48 -2.73 1.25
CA SER A 11 -5.58 -2.66 2.45
C SER A 11 -4.25 -3.30 2.00
N SER A 12 -4.30 -4.57 1.73
CA SER A 12 -3.08 -5.34 1.26
C SER A 12 -2.13 -4.46 0.42
N TYR A 13 -2.68 -3.85 -0.60
CA TYR A 13 -1.89 -2.95 -1.50
C TYR A 13 -1.29 -1.78 -0.66
N LEU A 14 -2.10 -1.19 0.17
CA LEU A 14 -1.65 -0.06 1.05
C LEU A 14 -0.59 -0.65 2.00
N GLU A 15 -0.90 -1.60 2.84
CA GLU A 15 0.14 -2.20 3.76
C GLU A 15 1.45 -2.38 2.94
N GLY A 16 1.31 -3.02 1.80
CA GLY A 16 2.45 -3.30 0.85
C GLY A 16 3.21 -2.00 0.53
N GLN A 17 2.49 -0.96 0.23
CA GLN A 17 3.09 0.39 -0.10
C GLN A 17 4.44 0.61 0.60
N ALA A 18 4.42 0.39 1.88
CA ALA A 18 5.61 0.53 2.79
C ALA A 18 7.00 0.70 2.10
N ALA A 19 7.33 -0.24 1.25
CA ALA A 19 8.64 -0.20 0.53
C ALA A 19 8.58 0.91 -0.57
N LYS A 20 7.60 0.78 -1.43
CA LYS A 20 7.37 1.75 -2.54
C LYS A 20 7.40 3.19 -1.93
N GLU A 21 6.63 3.31 -0.88
CA GLU A 21 6.49 4.58 -0.11
C GLU A 21 7.83 5.13 0.37
N PHE A 22 8.71 4.23 0.75
CA PHE A 22 10.06 4.64 1.24
C PHE A 22 10.88 5.12 0.03
N ILE A 23 10.82 4.33 -0.99
CA ILE A 23 11.57 4.65 -2.24
C ILE A 23 11.15 6.03 -2.78
N ALA A 24 9.87 6.25 -2.87
CA ALA A 24 9.33 7.56 -3.37
C ALA A 24 9.38 8.62 -2.21
N TRP A 25 9.37 8.11 -1.01
CA TRP A 25 9.42 8.94 0.24
C TRP A 25 10.12 10.30 0.13
N LEU A 26 11.34 10.18 -0.25
CA LEU A 26 12.26 11.35 -0.41
C LEU A 26 11.76 12.60 -1.20
N VAL A 27 10.68 12.47 -1.89
CA VAL A 27 10.09 13.61 -2.67
C VAL A 27 8.94 14.14 -1.77
N LYS A 28 8.44 13.21 -1.02
CA LYS A 28 7.33 13.37 -0.03
C LYS A 28 7.70 12.97 1.46
N GLY A 29 8.76 13.50 2.03
CA GLY A 29 9.13 13.12 3.48
C GLY A 29 10.57 12.99 4.08
N ARG A 30 11.40 12.06 3.69
CA ARG A 30 12.79 11.94 4.31
C ARG A 30 13.96 11.59 3.35
N HIS A 1 -13.42 -8.90 3.29
CA HIS A 1 -14.85 -9.30 3.52
C HIS A 1 -15.89 -8.88 2.42
N ALA A 2 -15.87 -7.67 1.90
CA ALA A 2 -16.86 -7.24 0.83
C ALA A 2 -17.04 -8.32 -0.28
N GLU A 3 -15.89 -8.82 -0.61
CA GLU A 3 -15.59 -9.89 -1.62
C GLU A 3 -15.62 -11.35 -1.05
N GLY A 4 -16.22 -11.48 0.10
CA GLY A 4 -16.35 -12.80 0.80
C GLY A 4 -15.49 -12.95 2.05
N THR A 5 -14.21 -12.93 1.90
CA THR A 5 -13.30 -13.09 3.11
C THR A 5 -12.27 -11.95 3.31
N PHE A 6 -11.27 -11.92 2.47
CA PHE A 6 -10.12 -10.95 2.41
C PHE A 6 -10.03 -9.75 3.43
N THR A 7 -8.86 -9.55 3.97
CA THR A 7 -8.60 -8.44 4.98
C THR A 7 -7.33 -7.61 4.66
N SER A 8 -6.17 -8.13 4.99
CA SER A 8 -4.84 -7.42 4.71
C SER A 8 -4.85 -6.75 3.34
N ASP A 9 -5.49 -7.48 2.49
CA ASP A 9 -5.76 -7.23 1.06
C ASP A 9 -5.97 -5.70 0.84
N VAL A 10 -6.88 -5.16 1.62
CA VAL A 10 -7.23 -3.70 1.56
C VAL A 10 -5.93 -2.86 1.55
N SER A 11 -5.09 -3.16 2.49
CA SER A 11 -3.77 -2.44 2.63
C SER A 11 -2.90 -2.81 1.42
N SER A 12 -2.85 -4.10 1.14
CA SER A 12 -2.04 -4.61 -0.04
C SER A 12 -2.30 -3.67 -1.24
N TYR A 13 -3.57 -3.47 -1.51
CA TYR A 13 -4.00 -2.59 -2.63
C TYR A 13 -3.55 -1.13 -2.31
N LEU A 14 -4.02 -0.61 -1.20
CA LEU A 14 -3.66 0.79 -0.75
C LEU A 14 -2.22 1.14 -1.19
N GLU A 15 -1.28 0.37 -0.70
CA GLU A 15 0.16 0.61 -1.06
C GLU A 15 0.39 0.14 -2.51
N GLY A 16 -0.19 -0.99 -2.83
CA GLY A 16 -0.12 -1.64 -4.21
C GLY A 16 -0.08 -0.52 -5.25
N GLN A 17 -0.92 0.44 -5.00
CA GLN A 17 -1.06 1.66 -5.85
C GLN A 17 -0.40 2.94 -5.27
N ALA A 18 -0.65 3.29 -4.03
CA ALA A 18 -0.03 4.51 -3.41
C ALA A 18 1.48 4.44 -3.09
N ALA A 19 1.90 3.37 -2.48
CA ALA A 19 3.33 3.10 -2.10
C ALA A 19 4.37 3.94 -2.87
N LYS A 20 4.18 3.90 -4.16
CA LYS A 20 5.02 4.61 -5.20
C LYS A 20 5.87 5.78 -4.68
N GLU A 21 5.27 6.65 -3.92
CA GLU A 21 6.04 7.82 -3.37
C GLU A 21 6.40 7.57 -1.89
N PHE A 22 5.63 6.84 -1.13
CA PHE A 22 5.97 6.59 0.33
C PHE A 22 7.36 5.93 0.28
N ILE A 23 7.46 5.03 -0.65
CA ILE A 23 8.71 4.27 -0.93
C ILE A 23 9.91 5.26 -0.94
N ALA A 24 9.63 6.37 -1.56
CA ALA A 24 10.63 7.47 -1.69
C ALA A 24 10.58 8.34 -0.41
N TRP A 25 9.45 8.54 0.18
CA TRP A 25 9.31 9.36 1.43
C TRP A 25 10.32 8.80 2.44
N LEU A 26 10.30 7.51 2.61
CA LEU A 26 11.24 6.86 3.56
C LEU A 26 12.69 6.69 2.99
N VAL A 27 12.98 7.42 1.96
CA VAL A 27 14.32 7.40 1.26
C VAL A 27 14.86 8.85 1.33
N LYS A 28 14.06 9.82 0.98
CA LYS A 28 14.42 11.29 1.00
C LYS A 28 15.66 11.73 1.86
N GLY A 29 15.83 11.12 3.02
CA GLY A 29 16.99 11.43 3.96
C GLY A 29 17.80 10.22 4.49
N ARG A 30 17.62 9.06 3.91
CA ARG A 30 18.36 7.82 4.32
C ARG A 30 18.46 6.79 3.14
N HIS A 1 -11.25 -14.34 -3.65
CA HIS A 1 -11.14 -15.78 -3.24
C HIS A 1 -11.94 -15.98 -1.92
N ALA A 2 -11.58 -16.85 -1.02
CA ALA A 2 -12.36 -17.03 0.26
C ALA A 2 -11.64 -16.19 1.35
N GLU A 3 -10.36 -16.38 1.33
CA GLU A 3 -9.37 -15.71 2.24
C GLU A 3 -8.87 -14.40 1.57
N GLY A 4 -8.50 -14.52 0.31
CA GLY A 4 -7.99 -13.36 -0.52
C GLY A 4 -9.08 -12.75 -1.38
N THR A 5 -9.78 -11.84 -0.79
CA THR A 5 -10.91 -11.10 -1.46
C THR A 5 -10.72 -9.60 -1.18
N PHE A 6 -11.49 -8.75 -1.83
CA PHE A 6 -11.40 -7.24 -1.66
C PHE A 6 -11.78 -6.62 -0.27
N THR A 7 -11.09 -7.16 0.67
CA THR A 7 -11.09 -6.90 2.15
C THR A 7 -9.59 -7.03 2.47
N SER A 8 -9.15 -8.23 2.24
CA SER A 8 -7.76 -8.71 2.46
C SER A 8 -6.87 -8.02 1.41
N ASP A 9 -7.25 -8.28 0.19
CA ASP A 9 -6.56 -7.74 -1.02
C ASP A 9 -6.45 -6.20 -0.77
N VAL A 10 -7.58 -5.60 -0.51
CA VAL A 10 -7.67 -4.13 -0.23
C VAL A 10 -6.65 -3.73 0.86
N SER A 11 -6.78 -4.27 2.05
CA SER A 11 -5.82 -3.95 3.16
C SER A 11 -4.36 -4.04 2.67
N SER A 12 -4.03 -5.13 2.04
CA SER A 12 -2.62 -5.29 1.52
C SER A 12 -2.30 -4.13 0.55
N TYR A 13 -3.14 -3.97 -0.44
CA TYR A 13 -2.98 -2.89 -1.46
C TYR A 13 -2.64 -1.54 -0.80
N LEU A 14 -3.50 -1.13 0.09
CA LEU A 14 -3.35 0.16 0.87
C LEU A 14 -1.86 0.48 1.17
N GLU A 15 -1.20 -0.54 1.63
CA GLU A 15 0.26 -0.46 1.97
C GLU A 15 1.05 -0.69 0.67
N GLY A 16 0.86 -1.85 0.06
CA GLY A 16 1.51 -2.29 -1.23
C GLY A 16 1.83 -1.12 -2.17
N GLN A 17 0.92 -0.20 -2.17
CA GLN A 17 1.05 1.02 -3.00
C GLN A 17 1.89 2.02 -2.11
N ALA A 18 1.24 2.83 -1.33
CA ALA A 18 1.90 3.84 -0.41
C ALA A 18 3.38 3.57 -0.02
N ALA A 19 3.59 2.34 0.41
CA ALA A 19 4.92 1.82 0.84
C ALA A 19 6.12 2.34 0.02
N LYS A 20 5.90 2.54 -1.25
CA LYS A 20 6.99 3.05 -2.16
C LYS A 20 6.89 4.55 -2.50
N GLU A 21 5.79 5.06 -3.00
CA GLU A 21 5.72 6.53 -3.32
C GLU A 21 6.24 7.42 -2.16
N PHE A 22 6.01 6.99 -0.95
CA PHE A 22 6.47 7.78 0.24
C PHE A 22 7.96 7.45 0.44
N ILE A 23 8.34 6.21 0.23
CA ILE A 23 9.80 5.86 0.40
C ILE A 23 10.55 6.84 -0.55
N ALA A 24 10.00 6.96 -1.72
CA ALA A 24 10.54 7.85 -2.79
C ALA A 24 10.30 9.38 -2.47
N TRP A 25 10.16 9.64 -1.20
CA TRP A 25 9.93 11.00 -0.60
C TRP A 25 11.05 11.08 0.48
N LEU A 26 10.90 10.17 1.38
CA LEU A 26 11.79 9.96 2.57
C LEU A 26 13.27 9.70 2.16
N VAL A 27 13.43 9.06 1.04
CA VAL A 27 14.76 8.69 0.46
C VAL A 27 15.13 9.56 -0.77
N LYS A 28 14.12 9.88 -1.53
CA LYS A 28 14.29 10.73 -2.78
C LYS A 28 13.61 12.15 -2.74
N GLY A 29 13.35 12.64 -1.57
CA GLY A 29 12.69 14.02 -1.38
C GLY A 29 13.52 14.95 -0.48
N ARG A 30 14.51 14.35 0.10
CA ARG A 30 15.47 15.04 1.04
C ARG A 30 16.94 14.97 0.48
N HIS A 1 -18.86 -5.30 -3.01
CA HIS A 1 -18.86 -4.00 -2.27
C HIS A 1 -18.20 -4.27 -0.91
N ALA A 2 -17.71 -3.25 -0.24
CA ALA A 2 -17.02 -3.41 1.10
C ALA A 2 -16.19 -4.73 1.07
N GLU A 3 -15.75 -4.95 -0.15
CA GLU A 3 -14.93 -6.11 -0.63
C GLU A 3 -14.72 -7.17 0.43
N GLY A 4 -15.91 -7.62 0.75
CA GLY A 4 -16.22 -8.69 1.78
C GLY A 4 -15.08 -9.06 2.76
N THR A 5 -14.49 -8.02 3.28
CA THR A 5 -13.34 -8.06 4.29
C THR A 5 -11.96 -7.72 3.69
N PHE A 6 -11.89 -6.66 2.94
CA PHE A 6 -10.62 -6.17 2.27
C PHE A 6 -9.37 -5.91 3.17
N THR A 7 -8.87 -6.99 3.68
CA THR A 7 -7.66 -7.05 4.60
C THR A 7 -6.38 -7.21 3.75
N SER A 8 -5.35 -7.70 4.36
CA SER A 8 -3.97 -8.00 3.80
C SER A 8 -3.71 -7.93 2.29
N ASP A 9 -4.71 -8.29 1.57
CA ASP A 9 -4.78 -8.36 0.09
C ASP A 9 -5.26 -6.98 -0.46
N VAL A 10 -6.53 -6.75 -0.44
CA VAL A 10 -7.09 -5.43 -0.94
C VAL A 10 -6.33 -4.32 -0.19
N SER A 11 -6.09 -4.56 1.08
CA SER A 11 -5.35 -3.57 1.96
C SER A 11 -4.02 -3.33 1.26
N SER A 12 -3.17 -4.33 1.25
CA SER A 12 -1.81 -4.22 0.58
C SER A 12 -1.87 -3.36 -0.69
N TYR A 13 -2.81 -3.65 -1.55
CA TYR A 13 -2.93 -2.83 -2.80
C TYR A 13 -3.16 -1.33 -2.49
N LEU A 14 -4.22 -1.03 -1.77
CA LEU A 14 -4.55 0.39 -1.40
C LEU A 14 -3.32 1.02 -0.70
N GLU A 15 -2.90 0.30 0.30
CA GLU A 15 -1.74 0.61 1.18
C GLU A 15 -0.58 1.02 0.24
N GLY A 16 -0.13 0.09 -0.57
CA GLY A 16 0.99 0.34 -1.55
C GLY A 16 0.71 1.61 -2.34
N GLN A 17 -0.43 1.64 -2.99
CA GLN A 17 -0.86 2.81 -3.82
C GLN A 17 -0.72 4.19 -3.12
N ALA A 18 -1.06 4.22 -1.85
CA ALA A 18 -0.97 5.47 -1.04
C ALA A 18 0.43 5.68 -0.38
N ALA A 19 1.12 4.59 -0.16
CA ALA A 19 2.47 4.63 0.46
C ALA A 19 3.66 4.89 -0.52
N LYS A 20 3.68 4.27 -1.68
CA LYS A 20 4.82 4.48 -2.66
C LYS A 20 5.50 5.89 -2.65
N GLU A 21 4.81 6.96 -2.92
CA GLU A 21 5.48 8.31 -2.90
C GLU A 21 6.29 8.56 -1.61
N PHE A 22 5.67 8.29 -0.49
CA PHE A 22 6.31 8.50 0.84
C PHE A 22 7.49 7.55 0.94
N ILE A 23 7.24 6.34 0.55
CA ILE A 23 8.33 5.33 0.60
C ILE A 23 9.53 5.96 -0.15
N ALA A 24 9.29 6.38 -1.36
CA ALA A 24 10.36 7.03 -2.16
C ALA A 24 10.99 8.19 -1.32
N TRP A 25 10.17 9.14 -0.92
CA TRP A 25 10.61 10.33 -0.10
C TRP A 25 11.76 10.06 0.89
N LEU A 26 11.51 9.10 1.72
CA LEU A 26 12.50 8.69 2.76
C LEU A 26 13.52 7.58 2.36
N VAL A 27 13.13 6.69 1.48
CA VAL A 27 14.05 5.59 1.04
C VAL A 27 15.07 6.11 0.02
N LYS A 28 14.59 6.74 -1.01
CA LYS A 28 15.53 7.28 -2.04
C LYS A 28 15.45 8.81 -2.30
N GLY A 29 14.47 9.49 -1.76
CA GLY A 29 14.37 11.00 -1.97
C GLY A 29 15.74 11.59 -1.54
N ARG A 30 16.27 10.83 -0.63
CA ARG A 30 17.58 10.99 0.05
C ARG A 30 18.43 9.80 -0.48
#